data_2ILU
#
_entry.id   2ILU
#
_cell.length_a   143.566
_cell.length_b   143.566
_cell.length_c   108.763
_cell.angle_alpha   90.00
_cell.angle_beta   90.00
_cell.angle_gamma   120.00
#
_symmetry.space_group_name_H-M   'P 64 2 2'
#
loop_
_entity.id
_entity.type
_entity.pdbx_description
1 polymer 'Aldehyde dehydrogenase A'
2 non-polymer 'SULFATE ION'
3 non-polymer 'NADPH DIHYDRO-NICOTINAMIDE-ADENINE-DINUCLEOTIDE PHOSPHATE'
4 water water
#
_entity_poly.entity_id   1
_entity_poly.type   'polypeptide(L)'
_entity_poly.pdbx_seq_one_letter_code
;MSVPVQHPMYIDGQFVTWRGDAWIDVVNPATEAVISRIPDGQAEDARKAIDAAERAQPEWEALPAIERASWLRKISAGIR
ERASEISALIVEEGGKIQQLAEVEVAFTADYIDYMAEWARRYEGEIIQSDRPGENILLFKRALGVTTGILPWNFPFFLIA
RKMAPALLTGNTIVIKPSEFTPNNAIAFAKIVDEIGLPRGVFNLVLGRGETVGQELAGNPKVAMVSMTGSVSAGEKIMAT
AAKNITKV(OCS)LELGGKAPAIVMDDADLELAVKAIVDSRVINSGQVCNCAERVYVQKGIYDQFVNRLGEAMQAVQFGN
PAERNDIAMGPLINAAALERVEQKVARAVEEGARVAFGGKAVEGKGYYYPPTLLLDVRQEMSIMHEETFGPVLPVVAFDT
LEDAISMANDSDYGLTSSIYTQNLNVAMKAIKGLKFGETYINRENFEAMQGFHAGWRKSGIGGADGKHGLHEYLQTQVVY
LQS
;
_entity_poly.pdbx_strand_id   A
#
loop_
_chem_comp.id
_chem_comp.type
_chem_comp.name
_chem_comp.formula
NDP non-polymer 'NADPH DIHYDRO-NICOTINAMIDE-ADENINE-DINUCLEOTIDE PHOSPHATE' 'C21 H30 N7 O17 P3'
SO4 non-polymer 'SULFATE ION' 'O4 S -2'
#
# COMPACT_ATOMS: atom_id res chain seq x y z
N VAL A 3 -13.85 -18.79 21.05
CA VAL A 3 -13.32 -17.65 21.84
C VAL A 3 -12.30 -16.83 21.04
N PRO A 4 -12.41 -15.49 21.04
CA PRO A 4 -11.46 -14.66 20.29
C PRO A 4 -10.00 -14.96 20.71
N VAL A 5 -9.26 -15.62 19.83
CA VAL A 5 -7.86 -15.97 20.07
C VAL A 5 -6.94 -14.78 20.41
N GLN A 6 -5.96 -15.01 21.25
CA GLN A 6 -5.00 -13.98 21.61
C GLN A 6 -3.61 -14.25 20.98
N HIS A 7 -3.21 -13.41 20.04
CA HIS A 7 -1.95 -13.58 19.34
C HIS A 7 -0.67 -13.16 20.07
N PRO A 8 0.41 -13.95 19.91
CA PRO A 8 1.70 -13.65 20.53
C PRO A 8 2.53 -12.95 19.43
N MET A 9 3.62 -12.30 19.80
CA MET A 9 4.45 -11.67 18.80
C MET A 9 5.49 -12.66 18.24
N TYR A 10 6.05 -12.38 17.07
CA TYR A 10 7.06 -13.27 16.54
C TYR A 10 8.44 -12.62 16.57
N ILE A 11 9.25 -12.97 17.55
CA ILE A 11 10.58 -12.39 17.73
C ILE A 11 11.70 -13.44 17.81
N ASP A 12 12.85 -13.13 17.24
CA ASP A 12 13.98 -14.04 17.25
C ASP A 12 13.63 -15.52 17.02
N GLY A 13 13.03 -15.80 15.87
CA GLY A 13 12.68 -17.17 15.51
C GLY A 13 11.75 -17.95 16.41
N GLN A 14 10.85 -17.27 17.10
CA GLN A 14 9.92 -17.97 17.98
C GLN A 14 8.76 -17.10 18.49
N PHE A 15 7.54 -17.63 18.44
CA PHE A 15 6.43 -16.86 18.96
C PHE A 15 6.60 -16.64 20.46
N VAL A 16 6.31 -15.45 20.95
CA VAL A 16 6.44 -15.16 22.36
C VAL A 16 5.15 -14.62 22.94
N THR A 17 4.63 -15.30 23.96
CA THR A 17 3.39 -14.90 24.59
C THR A 17 3.45 -13.57 25.35
N TRP A 18 2.65 -12.60 24.95
CA TRP A 18 2.60 -11.30 25.59
C TRP A 18 2.09 -11.35 27.05
N ARG A 19 2.93 -10.95 28.00
CA ARG A 19 2.53 -10.96 29.41
C ARG A 19 1.83 -9.67 29.89
N GLY A 20 1.95 -8.57 29.13
CA GLY A 20 1.33 -7.31 29.50
C GLY A 20 -0.13 -7.44 29.93
N ASP A 21 -0.63 -6.42 30.60
CA ASP A 21 -2.00 -6.41 31.08
C ASP A 21 -3.07 -5.91 30.08
N ALA A 22 -2.66 -5.04 29.16
CA ALA A 22 -3.57 -4.47 28.17
C ALA A 22 -3.62 -5.22 26.82
N TRP A 23 -4.80 -5.23 26.19
CA TRP A 23 -4.95 -5.89 24.90
C TRP A 23 -5.78 -5.08 23.89
N ILE A 24 -5.41 -5.20 22.61
CA ILE A 24 -6.14 -4.51 21.57
C ILE A 24 -7.10 -5.45 20.84
N ASP A 25 -8.38 -5.10 20.83
CA ASP A 25 -9.39 -5.93 20.19
C ASP A 25 -9.49 -5.76 18.67
N VAL A 26 -9.37 -6.88 17.95
CA VAL A 26 -9.50 -6.90 16.51
C VAL A 26 -10.96 -7.20 16.14
N VAL A 27 -11.60 -6.36 15.32
CA VAL A 27 -12.99 -6.58 14.97
C VAL A 27 -13.28 -6.86 13.48
N ASN A 28 -14.44 -7.44 13.18
CA ASN A 28 -14.84 -7.69 11.80
C ASN A 28 -15.68 -6.52 11.27
N PRO A 29 -15.11 -5.68 10.39
CA PRO A 29 -15.88 -4.56 9.87
C PRO A 29 -17.32 -4.91 9.40
N ALA A 30 -17.55 -6.16 8.99
CA ALA A 30 -18.89 -6.55 8.54
C ALA A 30 -19.85 -6.85 9.70
N THR A 31 -19.53 -7.87 10.50
CA THR A 31 -20.35 -8.26 11.65
C THR A 31 -20.18 -7.32 12.85
N GLU A 32 -18.99 -6.76 12.99
CA GLU A 32 -18.66 -5.84 14.07
C GLU A 32 -18.34 -6.56 15.40
N ALA A 33 -18.11 -7.86 15.33
CA ALA A 33 -17.77 -8.65 16.50
C ALA A 33 -16.25 -8.87 16.68
N VAL A 34 -15.82 -9.25 17.88
CA VAL A 34 -14.41 -9.47 18.15
C VAL A 34 -13.87 -10.81 17.59
N ILE A 35 -13.05 -10.75 16.54
CA ILE A 35 -12.51 -11.96 15.93
C ILE A 35 -11.19 -12.45 16.51
N SER A 36 -10.49 -11.59 17.24
CA SER A 36 -9.24 -11.94 17.86
C SER A 36 -8.65 -10.79 18.65
N ARG A 37 -7.59 -11.07 19.40
CA ARG A 37 -6.94 -10.04 20.19
C ARG A 37 -5.40 -10.03 20.05
N ILE A 38 -4.83 -8.84 19.97
CA ILE A 38 -3.40 -8.71 19.87
C ILE A 38 -2.82 -7.85 21.01
N PRO A 39 -1.62 -8.16 21.47
CA PRO A 39 -1.00 -7.41 22.55
C PRO A 39 -0.90 -5.91 22.24
N ASP A 40 -0.95 -5.08 23.28
CA ASP A 40 -0.80 -3.65 23.12
C ASP A 40 0.68 -3.32 23.31
N GLY A 41 1.50 -3.97 22.48
CA GLY A 41 2.94 -3.83 22.51
C GLY A 41 3.51 -2.46 22.78
N GLN A 42 4.69 -2.46 23.37
CA GLN A 42 5.39 -1.23 23.68
C GLN A 42 6.80 -1.16 23.09
N ALA A 43 7.42 0.02 23.09
CA ALA A 43 8.75 0.16 22.58
C ALA A 43 9.67 -1.03 22.94
N GLU A 44 9.77 -1.37 24.22
CA GLU A 44 10.64 -2.48 24.63
C GLU A 44 10.43 -3.76 23.79
N ASP A 45 9.19 -4.02 23.38
CA ASP A 45 8.91 -5.17 22.54
C ASP A 45 9.60 -5.02 21.17
N ALA A 46 9.44 -3.84 20.56
CA ALA A 46 10.06 -3.55 19.29
C ALA A 46 11.58 -3.71 19.34
N ARG A 47 12.21 -3.26 20.44
CA ARG A 47 13.64 -3.39 20.62
C ARG A 47 14.09 -4.85 20.69
N LYS A 48 13.32 -5.68 21.39
CA LYS A 48 13.68 -7.08 21.43
C LYS A 48 13.80 -7.62 19.98
N ALA A 49 12.82 -7.27 19.14
CA ALA A 49 12.82 -7.66 17.75
C ALA A 49 14.01 -7.02 16.97
N ILE A 50 14.24 -5.74 17.17
CA ILE A 50 15.34 -5.05 16.50
C ILE A 50 16.71 -5.65 16.89
N ASP A 51 16.90 -5.93 18.17
CA ASP A 51 18.15 -6.53 18.61
C ASP A 51 18.37 -7.93 18.01
N ALA A 52 17.28 -8.69 17.86
CA ALA A 52 17.35 -9.99 17.23
C ALA A 52 17.68 -9.82 15.75
N ALA A 53 16.99 -8.89 15.11
CA ALA A 53 17.25 -8.58 13.71
C ALA A 53 18.73 -8.18 13.51
N GLU A 54 19.26 -7.41 14.45
CA GLU A 54 20.64 -6.97 14.43
C GLU A 54 21.62 -8.15 14.62
N ARG A 55 21.38 -9.00 15.62
CA ARG A 55 22.25 -10.15 15.82
C ARG A 55 22.29 -11.08 14.59
N ALA A 56 21.15 -11.27 13.93
CA ALA A 56 21.07 -12.15 12.78
C ALA A 56 21.51 -11.55 11.41
N GLN A 57 21.59 -10.24 11.29
CA GLN A 57 21.94 -9.60 10.03
C GLN A 57 23.31 -10.00 9.37
N PRO A 58 24.41 -10.01 10.14
CA PRO A 58 25.70 -10.38 9.53
C PRO A 58 25.67 -11.75 8.82
N GLU A 59 25.27 -12.80 9.53
CA GLU A 59 25.20 -14.12 8.93
C GLU A 59 24.22 -14.19 7.75
N TRP A 60 23.05 -13.57 7.89
CA TRP A 60 22.07 -13.57 6.80
C TRP A 60 22.66 -12.96 5.53
N GLU A 61 23.30 -11.81 5.66
CA GLU A 61 23.94 -11.17 4.53
C GLU A 61 25.13 -12.01 3.99
N ALA A 62 25.86 -12.66 4.87
CA ALA A 62 26.97 -13.50 4.43
C ALA A 62 26.50 -14.66 3.54
N LEU A 63 25.22 -14.99 3.58
CA LEU A 63 24.69 -16.04 2.74
C LEU A 63 24.66 -15.61 1.26
N PRO A 64 25.06 -16.50 0.33
CA PRO A 64 25.01 -16.10 -1.07
C PRO A 64 23.57 -15.67 -1.41
N ALA A 65 23.40 -14.59 -2.18
CA ALA A 65 22.08 -14.12 -2.54
C ALA A 65 21.12 -15.26 -2.96
N ILE A 66 21.61 -16.19 -3.78
CA ILE A 66 20.79 -17.31 -4.23
C ILE A 66 20.19 -18.12 -3.06
N GLU A 67 20.97 -18.33 -2.00
CA GLU A 67 20.48 -19.03 -0.84
C GLU A 67 19.33 -18.24 -0.16
N ARG A 68 19.49 -16.92 -0.06
CA ARG A 68 18.43 -16.10 0.51
C ARG A 68 17.17 -16.21 -0.38
N ALA A 69 17.35 -16.17 -1.70
CA ALA A 69 16.22 -16.32 -2.58
C ALA A 69 15.52 -17.67 -2.31
N SER A 70 16.31 -18.70 -2.07
CA SER A 70 15.74 -20.00 -1.76
C SER A 70 14.79 -19.91 -0.56
N TRP A 71 15.23 -19.26 0.52
CA TRP A 71 14.36 -19.11 1.65
C TRP A 71 13.04 -18.39 1.25
N LEU A 72 13.15 -17.32 0.48
CA LEU A 72 11.96 -16.63 0.02
C LEU A 72 11.02 -17.54 -0.77
N ARG A 73 11.53 -18.44 -1.59
CA ARG A 73 10.65 -19.34 -2.31
C ARG A 73 9.88 -20.29 -1.36
N LYS A 74 10.53 -20.73 -0.29
CA LYS A 74 9.84 -21.57 0.67
C LYS A 74 8.64 -20.81 1.30
N ILE A 75 8.85 -19.53 1.57
CA ILE A 75 7.77 -18.72 2.13
C ILE A 75 6.60 -18.57 1.15
N SER A 76 6.89 -18.27 -0.11
CA SER A 76 5.82 -18.15 -1.09
C SER A 76 5.09 -19.49 -1.23
N ALA A 77 5.86 -20.57 -1.21
CA ALA A 77 5.26 -21.90 -1.31
C ALA A 77 4.33 -22.16 -0.13
N GLY A 78 4.74 -21.71 1.07
CA GLY A 78 3.92 -21.88 2.25
C GLY A 78 2.62 -21.11 2.12
N ILE A 79 2.70 -19.88 1.61
CA ILE A 79 1.50 -19.06 1.42
C ILE A 79 0.49 -19.71 0.45
N ARG A 80 0.94 -20.25 -0.67
CA ARG A 80 0.03 -20.91 -1.60
C ARG A 80 -0.69 -22.11 -0.96
N GLU A 81 0.06 -22.93 -0.22
CA GLU A 81 -0.53 -24.06 0.46
C GLU A 81 -1.64 -23.66 1.42
N ARG A 82 -1.61 -22.42 1.87
CA ARG A 82 -2.60 -21.91 2.79
C ARG A 82 -3.35 -20.66 2.26
N ALA A 83 -3.46 -20.56 0.94
CA ALA A 83 -4.13 -19.43 0.31
C ALA A 83 -5.54 -19.14 0.88
N SER A 84 -6.43 -20.11 0.84
CA SER A 84 -7.79 -19.94 1.35
C SER A 84 -7.83 -19.51 2.83
N GLU A 85 -7.04 -20.16 3.66
CA GLU A 85 -6.99 -19.82 5.06
C GLU A 85 -6.61 -18.35 5.25
N ILE A 86 -5.59 -17.92 4.52
CA ILE A 86 -5.13 -16.55 4.57
C ILE A 86 -6.12 -15.56 3.94
N SER A 87 -6.72 -15.94 2.82
CA SER A 87 -7.71 -15.08 2.18
C SER A 87 -8.89 -14.80 3.14
N ALA A 88 -9.43 -15.86 3.74
CA ALA A 88 -10.53 -15.72 4.68
C ALA A 88 -10.19 -14.78 5.85
N LEU A 89 -8.93 -14.79 6.29
CA LEU A 89 -8.50 -13.89 7.35
C LEU A 89 -8.54 -12.44 6.84
N ILE A 90 -8.08 -12.25 5.62
CA ILE A 90 -8.09 -10.93 5.02
C ILE A 90 -9.53 -10.46 4.88
N VAL A 91 -10.38 -11.32 4.33
CA VAL A 91 -11.80 -11.00 4.20
C VAL A 91 -12.42 -10.64 5.55
N GLU A 92 -12.25 -11.53 6.52
CA GLU A 92 -12.77 -11.34 7.85
C GLU A 92 -12.40 -9.99 8.51
N GLU A 93 -11.11 -9.72 8.72
CA GLU A 93 -10.68 -8.48 9.35
C GLU A 93 -10.60 -7.23 8.45
N GLY A 94 -10.35 -7.41 7.16
CA GLY A 94 -10.26 -6.27 6.27
C GLY A 94 -11.58 -5.91 5.61
N GLY A 95 -12.50 -6.88 5.59
CA GLY A 95 -13.79 -6.62 4.98
C GLY A 95 -13.76 -6.45 3.48
N LYS A 96 -12.82 -7.09 2.80
CA LYS A 96 -12.78 -7.00 1.36
C LYS A 96 -13.41 -8.21 0.69
N ILE A 97 -14.04 -8.02 -0.47
CA ILE A 97 -14.68 -9.12 -1.15
C ILE A 97 -13.77 -10.33 -1.43
N GLN A 98 -14.31 -11.54 -1.23
CA GLN A 98 -13.57 -12.77 -1.44
C GLN A 98 -12.67 -12.80 -2.67
N GLN A 99 -13.20 -12.50 -3.86
CA GLN A 99 -12.37 -12.52 -5.06
C GLN A 99 -11.08 -11.68 -4.89
N LEU A 100 -11.21 -10.49 -4.29
CA LEU A 100 -10.07 -9.64 -4.05
C LEU A 100 -9.06 -10.26 -3.08
N ALA A 101 -9.54 -10.84 -2.00
CA ALA A 101 -8.65 -11.47 -1.04
C ALA A 101 -7.80 -12.58 -1.70
N GLU A 102 -8.45 -13.48 -2.44
CA GLU A 102 -7.73 -14.54 -3.12
C GLU A 102 -6.65 -13.98 -4.05
N VAL A 103 -7.00 -12.97 -4.83
CA VAL A 103 -6.04 -12.35 -5.73
C VAL A 103 -4.89 -11.71 -4.96
N GLU A 104 -5.18 -11.10 -3.82
CA GLU A 104 -4.10 -10.52 -3.04
C GLU A 104 -3.14 -11.63 -2.60
N VAL A 105 -3.66 -12.73 -2.06
CA VAL A 105 -2.81 -13.84 -1.62
C VAL A 105 -1.97 -14.46 -2.75
N ALA A 106 -2.58 -14.63 -3.92
CA ALA A 106 -1.83 -15.17 -5.04
C ALA A 106 -0.76 -14.18 -5.52
N PHE A 107 -1.13 -12.91 -5.68
CA PHE A 107 -0.21 -11.88 -6.12
C PHE A 107 1.00 -11.72 -5.19
N THR A 108 0.73 -11.71 -3.88
CA THR A 108 1.79 -11.59 -2.90
C THR A 108 2.80 -12.76 -3.02
N ALA A 109 2.29 -13.97 -3.25
CA ALA A 109 3.16 -15.12 -3.43
C ALA A 109 3.95 -15.01 -4.74
N ASP A 110 3.29 -14.55 -5.80
CA ASP A 110 3.98 -14.36 -7.06
C ASP A 110 5.02 -13.24 -6.93
N TYR A 111 4.70 -12.25 -6.10
CA TYR A 111 5.59 -11.13 -5.84
C TYR A 111 6.87 -11.59 -5.13
N ILE A 112 6.72 -12.32 -4.02
CA ILE A 112 7.89 -12.81 -3.33
C ILE A 112 8.80 -13.59 -4.29
N ASP A 113 8.20 -14.43 -5.11
CA ASP A 113 8.97 -15.19 -6.08
C ASP A 113 9.65 -14.29 -7.12
N TYR A 114 8.96 -13.26 -7.56
CA TYR A 114 9.55 -12.32 -8.48
C TYR A 114 10.76 -11.59 -7.83
N MET A 115 10.64 -11.25 -6.55
CA MET A 115 11.75 -10.59 -5.87
C MET A 115 12.92 -11.56 -5.61
N ALA A 116 12.62 -12.84 -5.47
CA ALA A 116 13.68 -13.82 -5.23
C ALA A 116 14.62 -13.93 -6.45
N GLU A 117 14.08 -13.63 -7.62
CA GLU A 117 14.82 -13.69 -8.85
C GLU A 117 15.89 -12.60 -8.99
N TRP A 118 15.92 -11.63 -8.07
CA TRP A 118 16.94 -10.60 -8.15
C TRP A 118 18.30 -11.06 -7.59
N ALA A 119 18.31 -12.16 -6.86
CA ALA A 119 19.51 -12.71 -6.25
C ALA A 119 20.83 -12.57 -7.06
N ARG A 120 20.84 -13.05 -8.28
CA ARG A 120 22.04 -12.97 -9.11
C ARG A 120 22.00 -11.82 -10.11
N ARG A 121 21.01 -10.95 -9.99
CA ARG A 121 20.87 -9.88 -10.95
C ARG A 121 21.19 -8.43 -10.51
N TYR A 122 21.03 -8.08 -9.23
CA TYR A 122 21.36 -6.73 -8.84
C TYR A 122 22.87 -6.53 -8.88
N GLU A 123 23.34 -5.47 -9.53
CA GLU A 123 24.79 -5.33 -9.62
C GLU A 123 25.42 -3.98 -9.25
N GLY A 124 26.69 -4.06 -8.90
CA GLY A 124 27.46 -2.89 -8.57
C GLY A 124 28.16 -2.51 -9.86
N GLU A 125 29.08 -1.55 -9.78
CA GLU A 125 29.74 -1.13 -11.00
C GLU A 125 31.25 -0.93 -10.90
N ILE A 126 31.91 -0.99 -12.05
CA ILE A 126 33.33 -0.75 -12.15
C ILE A 126 33.58 0.51 -12.97
N ILE A 127 33.90 1.59 -12.28
CA ILE A 127 34.09 2.88 -12.90
C ILE A 127 35.52 3.26 -13.26
N GLN A 128 35.68 3.83 -14.45
CA GLN A 128 36.99 4.28 -14.93
C GLN A 128 37.55 5.40 -14.06
N SER A 129 38.76 5.26 -13.57
CA SER A 129 39.36 6.30 -12.75
C SER A 129 40.28 7.22 -13.58
N ASP A 130 40.60 8.41 -13.07
CA ASP A 130 41.52 9.30 -13.78
C ASP A 130 42.96 9.05 -13.31
N ARG A 131 43.08 8.25 -12.26
CA ARG A 131 44.36 7.90 -11.68
C ARG A 131 45.02 6.68 -12.34
N PRO A 132 46.23 6.85 -12.89
CA PRO A 132 46.93 5.73 -13.53
C PRO A 132 46.91 4.42 -12.69
N GLY A 133 46.38 3.35 -13.28
CA GLY A 133 46.33 2.08 -12.59
C GLY A 133 45.44 1.97 -11.37
N GLU A 134 44.38 2.76 -11.34
CA GLU A 134 43.46 2.68 -10.21
C GLU A 134 42.08 2.13 -10.57
N ASN A 135 41.54 1.26 -9.74
CA ASN A 135 40.23 0.72 -10.00
C ASN A 135 39.17 1.24 -9.05
N ILE A 136 38.06 1.71 -9.58
CA ILE A 136 36.99 2.17 -8.71
C ILE A 136 35.86 1.14 -8.72
N LEU A 137 35.76 0.38 -7.65
CA LEU A 137 34.70 -0.60 -7.55
C LEU A 137 33.52 -0.07 -6.75
N LEU A 138 32.32 -0.24 -7.27
CA LEU A 138 31.15 0.20 -6.56
C LEU A 138 30.25 -0.99 -6.18
N PHE A 139 30.41 -1.50 -4.97
CA PHE A 139 29.62 -2.63 -4.51
C PHE A 139 28.27 -2.24 -3.91
N LYS A 140 27.26 -3.09 -4.07
CA LYS A 140 25.95 -2.86 -3.48
C LYS A 140 25.83 -3.70 -2.18
N ARG A 141 25.86 -3.05 -1.02
CA ARG A 141 25.75 -3.75 0.25
C ARG A 141 24.35 -3.58 0.88
N ALA A 142 24.03 -4.37 1.88
CA ALA A 142 22.75 -4.25 2.54
C ALA A 142 22.76 -3.13 3.58
N LEU A 143 21.59 -2.59 3.91
CA LEU A 143 21.51 -1.55 4.89
C LEU A 143 21.70 -2.07 6.33
N GLY A 144 21.23 -3.29 6.60
CA GLY A 144 21.35 -3.86 7.93
C GLY A 144 19.97 -4.20 8.43
N VAL A 145 19.53 -3.52 9.48
CA VAL A 145 18.20 -3.77 10.02
C VAL A 145 17.14 -2.82 9.49
N THR A 146 16.07 -3.34 8.90
CA THR A 146 15.01 -2.50 8.42
C THR A 146 13.65 -2.74 9.10
N THR A 147 12.75 -1.77 9.01
CA THR A 147 11.47 -1.93 9.65
C THR A 147 10.30 -1.62 8.73
N GLY A 148 9.19 -2.30 8.94
CA GLY A 148 8.01 -2.07 8.12
C GLY A 148 6.81 -1.80 9.00
N ILE A 149 6.11 -0.72 8.67
CA ILE A 149 4.89 -0.32 9.35
C ILE A 149 3.73 -0.35 8.35
N LEU A 150 2.88 -1.37 8.42
CA LEU A 150 1.79 -1.52 7.45
C LEU A 150 0.41 -0.96 7.83
N PRO A 151 -0.41 -0.62 6.82
CA PRO A 151 -1.76 -0.07 6.98
C PRO A 151 -2.78 -1.25 6.85
N TRP A 152 -4.08 -0.99 6.97
CA TRP A 152 -5.07 -2.06 6.85
C TRP A 152 -5.42 -2.45 5.39
N ASN A 153 -5.13 -1.56 4.44
CA ASN A 153 -5.41 -1.83 3.04
C ASN A 153 -4.30 -2.71 2.41
N PHE A 154 -4.67 -3.80 1.75
CA PHE A 154 -3.69 -4.72 1.19
C PHE A 154 -2.61 -5.11 2.21
N PRO A 155 -3.00 -5.37 3.46
CA PRO A 155 -2.04 -5.72 4.51
C PRO A 155 -1.18 -6.95 4.20
N PHE A 156 -1.77 -8.03 3.68
CA PHE A 156 -0.97 -9.19 3.41
C PHE A 156 0.14 -8.91 2.40
N PHE A 157 -0.23 -8.37 1.25
CA PHE A 157 0.73 -8.02 0.22
C PHE A 157 1.80 -7.06 0.73
N LEU A 158 1.39 -6.00 1.43
CA LEU A 158 2.35 -5.05 1.97
C LEU A 158 3.42 -5.67 2.87
N ILE A 159 3.18 -6.88 3.36
CA ILE A 159 4.20 -7.56 4.13
C ILE A 159 5.33 -7.95 3.16
N ALA A 160 4.94 -8.62 2.09
CA ALA A 160 5.86 -9.05 1.07
C ALA A 160 6.54 -7.87 0.33
N ARG A 161 5.78 -6.83 0.01
CA ARG A 161 6.38 -5.69 -0.68
C ARG A 161 7.55 -5.08 0.10
N LYS A 162 7.52 -5.19 1.43
CA LYS A 162 8.60 -4.68 2.24
C LYS A 162 9.64 -5.74 2.65
N MET A 163 9.19 -6.88 3.16
CA MET A 163 10.12 -7.93 3.58
C MET A 163 10.86 -8.66 2.43
N ALA A 164 10.20 -8.94 1.30
CA ALA A 164 10.86 -9.63 0.21
C ALA A 164 12.13 -8.90 -0.32
N PRO A 165 11.99 -7.62 -0.72
CA PRO A 165 13.15 -6.87 -1.23
C PRO A 165 14.26 -6.82 -0.14
N ALA A 166 13.86 -6.49 1.09
CA ALA A 166 14.78 -6.41 2.21
C ALA A 166 15.56 -7.70 2.43
N LEU A 167 14.85 -8.83 2.54
CA LEU A 167 15.51 -10.10 2.73
C LEU A 167 16.42 -10.54 1.55
N LEU A 168 15.96 -10.37 0.31
CA LEU A 168 16.78 -10.74 -0.83
C LEU A 168 18.13 -10.00 -0.85
N THR A 169 18.12 -8.70 -0.57
CA THR A 169 19.33 -7.90 -0.56
C THR A 169 20.25 -8.14 0.64
N GLY A 170 19.81 -8.94 1.60
CA GLY A 170 20.65 -9.21 2.76
C GLY A 170 20.28 -8.45 4.01
N ASN A 171 19.07 -7.91 4.05
CA ASN A 171 18.64 -7.19 5.22
C ASN A 171 17.77 -8.03 6.14
N THR A 172 17.63 -7.59 7.37
CA THR A 172 16.76 -8.26 8.30
C THR A 172 15.59 -7.31 8.56
N ILE A 173 14.41 -7.81 8.88
CA ILE A 173 13.30 -6.89 9.04
C ILE A 173 12.39 -7.11 10.25
N VAL A 174 11.79 -6.01 10.70
CA VAL A 174 10.84 -6.04 11.80
C VAL A 174 9.55 -5.34 11.37
N ILE A 175 8.52 -6.13 11.10
CA ILE A 175 7.24 -5.61 10.66
C ILE A 175 6.18 -5.41 11.76
N LYS A 176 5.46 -4.29 11.67
CA LYS A 176 4.35 -4.06 12.59
C LYS A 176 3.07 -3.97 11.77
N PRO A 177 2.31 -5.05 11.71
CA PRO A 177 1.07 -4.99 10.92
C PRO A 177 0.14 -3.90 11.46
N SER A 178 -0.94 -3.63 10.75
CA SER A 178 -1.87 -2.64 11.24
C SER A 178 -2.69 -3.18 12.40
N GLU A 179 -2.94 -2.32 13.37
CA GLU A 179 -3.73 -2.63 14.55
C GLU A 179 -5.12 -3.24 14.23
N PHE A 180 -5.69 -2.88 13.07
CA PHE A 180 -6.99 -3.37 12.64
C PHE A 180 -6.93 -4.64 11.79
N THR A 181 -5.78 -4.93 11.20
CA THR A 181 -5.64 -6.10 10.34
C THR A 181 -4.35 -6.92 10.60
N PRO A 182 -4.12 -7.35 11.85
CA PRO A 182 -2.94 -8.12 12.23
C PRO A 182 -3.02 -9.63 11.97
N ASN A 183 -4.21 -10.15 11.73
CA ASN A 183 -4.36 -11.59 11.53
C ASN A 183 -3.56 -12.19 10.39
N ASN A 184 -3.68 -11.64 9.18
CA ASN A 184 -2.91 -12.14 8.05
C ASN A 184 -1.40 -12.11 8.35
N ALA A 185 -0.96 -11.09 9.10
CA ALA A 185 0.43 -11.01 9.48
C ALA A 185 0.83 -12.22 10.37
N ILE A 186 0.04 -12.51 11.40
CA ILE A 186 0.32 -13.67 12.24
C ILE A 186 0.45 -14.93 11.37
N ALA A 187 -0.52 -15.12 10.46
CA ALA A 187 -0.47 -16.26 9.55
C ALA A 187 0.85 -16.29 8.76
N PHE A 188 1.29 -15.13 8.27
CA PHE A 188 2.56 -15.03 7.57
C PHE A 188 3.72 -15.46 8.48
N ALA A 189 3.72 -14.99 9.73
CA ALA A 189 4.75 -15.38 10.67
C ALA A 189 4.72 -16.91 10.94
N LYS A 190 3.54 -17.52 10.96
CA LYS A 190 3.45 -18.96 11.16
C LYS A 190 4.13 -19.68 10.02
N ILE A 191 3.96 -19.18 8.80
CA ILE A 191 4.60 -19.76 7.64
C ILE A 191 6.13 -19.57 7.68
N VAL A 192 6.56 -18.41 8.15
CA VAL A 192 7.99 -18.17 8.28
C VAL A 192 8.58 -19.17 9.29
N ASP A 193 7.84 -19.37 10.38
CA ASP A 193 8.25 -20.29 11.42
C ASP A 193 8.33 -21.75 10.89
N GLU A 194 7.26 -22.21 10.25
CA GLU A 194 7.24 -23.57 9.70
C GLU A 194 8.41 -23.90 8.79
N ILE A 195 8.67 -23.08 7.77
CA ILE A 195 9.80 -23.36 6.88
C ILE A 195 11.14 -23.21 7.59
N GLY A 196 11.15 -22.55 8.74
CA GLY A 196 12.38 -22.41 9.51
C GLY A 196 13.33 -21.29 9.14
N LEU A 197 12.82 -20.18 8.63
CA LEU A 197 13.70 -19.08 8.28
C LEU A 197 14.68 -18.75 9.43
N PRO A 198 15.96 -18.52 9.15
CA PRO A 198 16.93 -18.20 10.20
C PRO A 198 16.39 -17.20 11.26
N ARG A 199 16.60 -17.49 12.52
CA ARG A 199 16.10 -16.62 13.59
C ARG A 199 16.53 -15.15 13.52
N GLY A 200 15.57 -14.25 13.70
CA GLY A 200 15.86 -12.83 13.67
C GLY A 200 15.73 -12.17 12.31
N VAL A 201 15.89 -12.92 11.23
CA VAL A 201 15.77 -12.33 9.89
C VAL A 201 14.39 -11.68 9.68
N PHE A 202 13.34 -12.37 10.11
CA PHE A 202 12.00 -11.85 10.02
C PHE A 202 11.33 -11.77 11.39
N ASN A 203 10.92 -10.57 11.80
CA ASN A 203 10.27 -10.41 13.09
C ASN A 203 8.93 -9.69 12.99
N LEU A 204 7.95 -10.12 13.77
CA LEU A 204 6.65 -9.49 13.75
C LEU A 204 6.26 -8.93 15.13
N VAL A 205 6.01 -7.64 15.24
CA VAL A 205 5.63 -7.08 16.53
C VAL A 205 4.26 -6.39 16.50
N LEU A 206 3.36 -6.82 17.37
CA LEU A 206 2.01 -6.26 17.43
C LEU A 206 1.85 -5.07 18.39
N GLY A 207 0.96 -4.15 18.06
CA GLY A 207 0.73 -2.98 18.88
C GLY A 207 0.23 -1.80 18.07
N ARG A 208 0.26 -0.62 18.68
CA ARG A 208 -0.20 0.59 18.01
C ARG A 208 0.94 1.38 17.32
N GLY A 209 0.59 2.22 16.35
CA GLY A 209 1.59 3.00 15.65
C GLY A 209 2.34 3.97 16.56
N GLU A 210 1.59 4.65 17.42
CA GLU A 210 2.20 5.61 18.35
C GLU A 210 3.19 4.97 19.34
N THR A 211 3.04 3.68 19.59
CA THR A 211 3.93 2.97 20.50
C THR A 211 4.98 2.10 19.78
N VAL A 212 4.54 0.97 19.23
CA VAL A 212 5.44 0.09 18.50
C VAL A 212 5.94 0.69 17.17
N GLY A 213 5.14 1.55 16.55
CA GLY A 213 5.53 2.18 15.30
C GLY A 213 6.61 3.22 15.51
N GLN A 214 6.42 4.09 16.50
CA GLN A 214 7.44 5.10 16.77
C GLN A 214 8.79 4.48 17.12
N GLU A 215 8.77 3.34 17.77
CA GLU A 215 10.02 2.66 18.10
C GLU A 215 10.66 2.09 16.83
N LEU A 216 9.85 1.53 15.94
CA LEU A 216 10.37 1.00 14.70
C LEU A 216 11.01 2.09 13.83
N ALA A 217 10.68 3.36 14.11
CA ALA A 217 11.22 4.47 13.35
C ALA A 217 12.33 5.26 14.07
N GLY A 218 12.24 5.37 15.39
CA GLY A 218 13.22 6.13 16.15
C GLY A 218 14.38 5.38 16.73
N ASN A 219 14.39 4.06 16.58
CA ASN A 219 15.49 3.27 17.12
C ASN A 219 16.82 3.44 16.33
N PRO A 220 17.88 3.87 17.01
CA PRO A 220 19.19 4.07 16.36
C PRO A 220 19.75 2.86 15.59
N LYS A 221 19.30 1.65 15.91
CA LYS A 221 19.80 0.47 15.22
C LYS A 221 19.15 0.21 13.84
N VAL A 222 18.07 0.92 13.55
CA VAL A 222 17.37 0.77 12.29
C VAL A 222 17.98 1.58 11.13
N ALA A 223 18.52 0.91 10.11
CA ALA A 223 19.10 1.60 8.98
C ALA A 223 18.06 2.28 8.09
N MET A 224 16.84 1.74 8.09
CA MET A 224 15.76 2.28 7.31
C MET A 224 14.37 1.82 7.74
N VAL A 225 13.43 2.77 7.82
CA VAL A 225 12.07 2.45 8.18
C VAL A 225 11.10 2.65 7.03
N SER A 226 10.45 1.58 6.62
CA SER A 226 9.51 1.63 5.52
C SER A 226 8.06 1.65 6.02
N MET A 227 7.25 2.57 5.53
CA MET A 227 5.87 2.63 5.97
C MET A 227 4.86 3.02 4.88
N THR A 228 3.67 2.46 4.96
CA THR A 228 2.62 2.75 4.02
C THR A 228 1.31 3.16 4.72
N GLY A 229 0.74 4.31 4.34
CA GLY A 229 -0.49 4.76 4.97
C GLY A 229 -0.86 6.20 4.67
N SER A 230 -1.22 6.94 5.72
CA SER A 230 -1.63 8.34 5.58
C SER A 230 -0.50 9.38 5.67
N VAL A 231 -0.64 10.50 4.97
CA VAL A 231 0.38 11.54 5.02
C VAL A 231 0.74 11.91 6.48
N SER A 232 -0.26 11.98 7.34
CA SER A 232 -0.08 12.31 8.74
C SER A 232 0.91 11.36 9.45
N ALA A 233 0.71 10.07 9.32
CA ALA A 233 1.60 9.10 9.92
C ALA A 233 3.01 9.19 9.29
N GLY A 234 3.06 9.43 7.99
CA GLY A 234 4.34 9.53 7.31
C GLY A 234 5.10 10.71 7.90
N GLU A 235 4.38 11.77 8.22
CA GLU A 235 5.01 12.94 8.81
C GLU A 235 5.61 12.64 10.20
N LYS A 236 4.89 11.87 11.01
CA LYS A 236 5.40 11.53 12.33
C LYS A 236 6.55 10.53 12.24
N ILE A 237 6.48 9.62 11.28
CA ILE A 237 7.55 8.67 11.08
C ILE A 237 8.83 9.33 10.56
N MET A 238 8.72 10.20 9.55
CA MET A 238 9.90 10.87 9.06
C MET A 238 10.51 11.79 10.11
N ALA A 239 9.67 12.53 10.81
CA ALA A 239 10.18 13.41 11.85
C ALA A 239 10.98 12.63 12.93
N THR A 240 10.49 11.46 13.34
CA THR A 240 11.19 10.64 14.32
C THR A 240 12.48 10.03 13.76
N ALA A 241 12.42 9.54 12.52
CA ALA A 241 13.59 8.99 11.88
C ALA A 241 14.70 10.04 11.78
N ALA A 242 14.30 11.31 11.68
CA ALA A 242 15.23 12.43 11.59
C ALA A 242 16.24 12.46 12.72
N LYS A 243 15.79 12.10 13.93
CA LYS A 243 16.67 12.08 15.08
C LYS A 243 17.98 11.31 14.86
N ASN A 244 17.91 10.21 14.13
CA ASN A 244 19.10 9.42 13.86
C ASN A 244 19.49 9.40 12.40
N ILE A 245 19.04 10.40 11.65
CA ILE A 245 19.33 10.43 10.22
C ILE A 245 19.00 9.07 9.60
N THR A 246 17.95 8.47 10.11
CA THR A 246 17.51 7.18 9.59
C THR A 246 16.81 7.29 8.22
N LYS A 247 17.17 6.43 7.30
CA LYS A 247 16.53 6.50 6.01
C LYS A 247 15.04 6.12 6.11
N VAL A 248 14.21 6.69 5.25
CA VAL A 248 12.80 6.33 5.24
C VAL A 248 12.25 5.98 3.84
N OCS A 249 11.30 5.06 3.80
CA OCS A 249 10.62 4.64 2.59
CB OCS A 249 10.99 3.20 2.23
SG OCS A 249 10.76 2.73 0.56
C OCS A 249 9.08 4.80 2.83
O OCS A 249 8.49 3.97 3.51
OD1 OCS A 249 11.19 1.35 0.55
OD2 OCS A 249 9.37 2.86 0.38
OD3 OCS A 249 11.59 3.58 -0.15
N LEU A 250 8.50 5.89 2.35
CA LEU A 250 7.08 6.14 2.56
C LEU A 250 6.18 6.09 1.31
N GLU A 251 4.99 5.57 1.49
CA GLU A 251 3.97 5.50 0.46
C GLU A 251 2.67 5.98 1.12
N LEU A 252 2.34 7.26 0.96
CA LEU A 252 1.16 7.84 1.58
C LEU A 252 -0.05 8.03 0.63
N GLY A 253 -0.15 7.17 -0.37
CA GLY A 253 -1.26 7.24 -1.31
C GLY A 253 -1.58 8.64 -1.80
N GLY A 254 -2.86 8.97 -1.82
CA GLY A 254 -3.28 10.29 -2.26
C GLY A 254 -4.67 10.37 -2.84
N LYS A 255 -4.80 11.26 -3.83
CA LYS A 255 -6.04 11.53 -4.55
C LYS A 255 -5.95 11.23 -6.06
N ALA A 256 -5.71 9.98 -6.44
CA ALA A 256 -5.58 9.60 -7.86
C ALA A 256 -6.57 10.27 -8.83
N PRO A 257 -6.09 11.15 -9.73
CA PRO A 257 -7.05 11.78 -10.65
C PRO A 257 -7.13 11.01 -11.96
N ALA A 258 -8.26 11.11 -12.65
CA ALA A 258 -8.47 10.46 -13.93
C ALA A 258 -9.05 11.44 -14.97
N ILE A 259 -8.47 11.50 -16.16
CA ILE A 259 -8.93 12.40 -17.21
C ILE A 259 -9.61 11.71 -18.39
N VAL A 260 -10.89 12.01 -18.62
CA VAL A 260 -11.60 11.43 -19.74
C VAL A 260 -11.86 12.41 -20.90
N MET A 261 -11.17 12.20 -22.02
CA MET A 261 -11.36 13.06 -23.18
C MET A 261 -12.58 12.65 -24.03
N ASP A 262 -13.09 13.55 -24.87
CA ASP A 262 -14.23 13.21 -25.69
C ASP A 262 -13.90 12.04 -26.65
N ASP A 263 -12.72 12.10 -27.25
CA ASP A 263 -12.27 11.05 -28.16
C ASP A 263 -11.85 9.79 -27.41
N ALA A 264 -12.45 9.56 -26.25
CA ALA A 264 -12.12 8.42 -25.43
C ALA A 264 -13.17 7.30 -25.48
N ASP A 265 -12.72 6.06 -25.64
CA ASP A 265 -13.64 4.94 -25.66
C ASP A 265 -14.58 4.99 -24.43
N LEU A 266 -15.77 5.55 -24.61
CA LEU A 266 -16.71 5.65 -23.51
C LEU A 266 -16.85 4.35 -22.69
N GLU A 267 -17.02 3.22 -23.37
CA GLU A 267 -17.17 1.95 -22.67
C GLU A 267 -15.97 1.61 -21.77
N LEU A 268 -14.77 1.70 -22.35
CA LEU A 268 -13.54 1.43 -21.63
C LEU A 268 -13.36 2.30 -20.37
N ALA A 269 -13.42 3.61 -20.55
CA ALA A 269 -13.29 4.53 -19.43
C ALA A 269 -14.25 4.21 -18.28
N VAL A 270 -15.55 4.15 -18.57
CA VAL A 270 -16.52 3.84 -17.54
C VAL A 270 -16.18 2.50 -16.87
N LYS A 271 -15.86 1.49 -17.67
CA LYS A 271 -15.49 0.19 -17.16
C LYS A 271 -14.22 0.27 -16.27
N ALA A 272 -13.15 0.84 -16.81
CA ALA A 272 -11.91 0.97 -16.07
C ALA A 272 -12.07 1.74 -14.74
N ILE A 273 -12.76 2.88 -14.76
CA ILE A 273 -12.96 3.65 -13.54
C ILE A 273 -13.79 2.90 -12.50
N VAL A 274 -14.82 2.16 -12.95
CA VAL A 274 -15.64 1.38 -12.04
C VAL A 274 -14.88 0.14 -11.54
N ASP A 275 -14.24 -0.58 -12.46
CA ASP A 275 -13.44 -1.76 -12.11
C ASP A 275 -12.34 -1.40 -11.10
N SER A 276 -11.94 -0.13 -11.13
CA SER A 276 -10.96 0.37 -10.19
C SER A 276 -11.69 0.78 -8.88
N ARG A 277 -11.82 2.08 -8.63
CA ARG A 277 -12.52 2.58 -7.46
C ARG A 277 -12.75 1.57 -6.31
N VAL A 278 -13.75 0.70 -6.47
CA VAL A 278 -14.10 -0.27 -5.43
C VAL A 278 -13.29 -1.61 -5.41
N ILE A 279 -11.95 -1.52 -5.35
CA ILE A 279 -11.15 -2.74 -5.25
C ILE A 279 -10.87 -3.05 -3.76
N ASN A 280 -11.98 -3.11 -3.03
CA ASN A 280 -12.09 -3.34 -1.59
C ASN A 280 -13.51 -2.90 -1.19
N SER A 281 -13.61 -1.67 -0.71
CA SER A 281 -14.86 -1.01 -0.36
C SER A 281 -14.87 0.33 -1.10
N GLY A 282 -13.67 0.66 -1.59
CA GLY A 282 -13.40 1.89 -2.31
C GLY A 282 -12.01 2.25 -1.86
N GLN A 283 -11.91 2.53 -0.56
CA GLN A 283 -10.70 2.89 0.17
C GLN A 283 -9.35 3.00 -0.59
N VAL A 284 -9.00 2.01 -1.41
CA VAL A 284 -7.75 2.05 -2.16
C VAL A 284 -7.37 3.44 -2.75
N CYS A 285 -6.15 3.89 -2.49
CA CYS A 285 -5.67 5.20 -2.95
C CYS A 285 -5.30 5.34 -4.46
N ASN A 286 -4.95 4.24 -5.11
CA ASN A 286 -4.60 4.30 -6.54
C ASN A 286 -5.84 4.26 -7.45
N CYS A 287 -7.02 4.37 -6.86
CA CYS A 287 -8.27 4.33 -7.60
C CYS A 287 -8.91 5.72 -7.84
N ALA A 288 -9.03 6.11 -9.11
CA ALA A 288 -9.60 7.38 -9.50
C ALA A 288 -10.52 8.07 -8.45
N GLU A 289 -9.94 8.85 -7.55
CA GLU A 289 -10.72 9.57 -6.55
C GLU A 289 -11.17 10.95 -7.05
N ARG A 290 -10.65 11.35 -8.19
CA ARG A 290 -10.99 12.61 -8.84
C ARG A 290 -11.20 12.41 -10.36
N VAL A 291 -12.45 12.43 -10.81
CA VAL A 291 -12.72 12.20 -12.22
C VAL A 291 -12.96 13.47 -13.08
N TYR A 292 -12.04 13.78 -13.99
CA TYR A 292 -12.18 14.95 -14.85
C TYR A 292 -12.74 14.63 -16.24
N VAL A 293 -13.90 15.18 -16.58
CA VAL A 293 -14.51 14.93 -17.87
C VAL A 293 -14.79 16.19 -18.68
N GLN A 294 -14.50 16.19 -19.97
CA GLN A 294 -14.78 17.38 -20.76
C GLN A 294 -16.20 17.43 -21.35
N LYS A 295 -16.78 18.62 -21.38
CA LYS A 295 -18.13 18.87 -21.88
C LYS A 295 -18.64 17.89 -22.99
N GLY A 296 -17.97 17.89 -24.13
CA GLY A 296 -18.36 17.06 -25.26
C GLY A 296 -18.79 15.63 -24.98
N ILE A 297 -18.29 15.05 -23.90
CA ILE A 297 -18.64 13.68 -23.54
C ILE A 297 -19.19 13.56 -22.12
N TYR A 298 -19.09 14.65 -21.35
CA TYR A 298 -19.56 14.68 -19.98
C TYR A 298 -20.94 14.00 -19.83
N ASP A 299 -21.90 14.49 -20.59
CA ASP A 299 -23.27 13.96 -20.54
C ASP A 299 -23.35 12.43 -20.60
N GLN A 300 -22.88 11.85 -21.70
CA GLN A 300 -22.90 10.40 -21.83
C GLN A 300 -22.09 9.68 -20.74
N PHE A 301 -20.85 10.12 -20.52
CA PHE A 301 -20.00 9.50 -19.50
C PHE A 301 -20.66 9.40 -18.12
N VAL A 302 -21.29 10.48 -17.66
CA VAL A 302 -21.94 10.46 -16.36
C VAL A 302 -23.08 9.43 -16.29
N ASN A 303 -23.91 9.33 -17.33
CA ASN A 303 -25.00 8.37 -17.33
C ASN A 303 -24.51 6.91 -17.23
N ARG A 304 -23.63 6.49 -18.14
CA ARG A 304 -23.12 5.13 -18.08
C ARG A 304 -22.48 4.86 -16.72
N LEU A 305 -21.69 5.83 -16.25
CA LEU A 305 -21.04 5.71 -14.96
C LEU A 305 -22.07 5.58 -13.82
N GLY A 306 -23.07 6.47 -13.84
CA GLY A 306 -24.12 6.43 -12.83
C GLY A 306 -24.75 5.05 -12.85
N GLU A 307 -25.07 4.57 -14.06
CA GLU A 307 -25.68 3.25 -14.19
C GLU A 307 -24.76 2.12 -13.68
N ALA A 308 -23.49 2.16 -14.08
CA ALA A 308 -22.55 1.16 -13.64
C ALA A 308 -22.41 1.09 -12.12
N MET A 309 -22.48 2.23 -11.44
CA MET A 309 -22.36 2.26 -9.99
C MET A 309 -23.55 1.67 -9.23
N GLN A 310 -24.74 1.72 -9.82
CA GLN A 310 -25.90 1.15 -9.15
C GLN A 310 -25.77 -0.36 -8.95
N ALA A 311 -25.25 -1.07 -9.96
CA ALA A 311 -25.09 -2.50 -9.85
C ALA A 311 -24.14 -2.94 -8.72
N VAL A 312 -23.28 -2.03 -8.26
CA VAL A 312 -22.34 -2.33 -7.19
C VAL A 312 -23.02 -2.52 -5.83
N GLN A 313 -23.27 -3.75 -5.43
CA GLN A 313 -23.89 -4.02 -4.14
C GLN A 313 -22.91 -4.24 -2.99
N PHE A 314 -23.33 -3.88 -1.79
CA PHE A 314 -22.48 -4.02 -0.62
C PHE A 314 -23.01 -5.00 0.44
N GLY A 315 -22.11 -5.58 1.24
CA GLY A 315 -22.52 -6.51 2.26
C GLY A 315 -21.37 -7.31 2.82
N ASN A 316 -21.67 -8.22 3.75
CA ASN A 316 -20.64 -9.06 4.35
C ASN A 316 -19.90 -9.92 3.32
N PRO A 317 -18.60 -9.67 3.09
CA PRO A 317 -17.78 -10.43 2.13
C PRO A 317 -17.81 -11.96 2.29
N ALA A 318 -17.87 -12.43 3.54
CA ALA A 318 -17.90 -13.87 3.82
C ALA A 318 -19.23 -14.58 3.46
N GLU A 319 -20.34 -13.85 3.53
CA GLU A 319 -21.65 -14.40 3.21
C GLU A 319 -22.15 -14.01 1.82
N ARG A 320 -21.33 -13.28 1.07
CA ARG A 320 -21.72 -12.82 -0.24
C ARG A 320 -20.58 -12.79 -1.29
N ASN A 321 -20.61 -13.71 -2.24
CA ASN A 321 -19.61 -13.73 -3.30
C ASN A 321 -20.16 -13.08 -4.57
N ASP A 322 -21.32 -12.45 -4.44
CA ASP A 322 -21.98 -11.77 -5.55
C ASP A 322 -22.01 -10.24 -5.37
N ILE A 323 -21.36 -9.76 -4.32
CA ILE A 323 -21.28 -8.33 -4.06
C ILE A 323 -19.98 -7.71 -4.57
N ALA A 324 -19.97 -6.41 -4.79
CA ALA A 324 -18.78 -5.74 -5.28
C ALA A 324 -18.12 -4.83 -4.24
N MET A 325 -18.66 -4.82 -3.03
CA MET A 325 -18.13 -3.97 -1.99
C MET A 325 -18.40 -4.43 -0.54
N GLY A 326 -17.34 -4.52 0.26
CA GLY A 326 -17.50 -4.92 1.63
C GLY A 326 -17.69 -3.65 2.44
N PRO A 327 -17.60 -3.72 3.77
CA PRO A 327 -17.77 -2.53 4.60
C PRO A 327 -16.45 -1.73 4.72
N LEU A 328 -16.51 -0.59 5.40
CA LEU A 328 -15.30 0.19 5.63
C LEU A 328 -14.52 -0.38 6.83
N ILE A 329 -13.22 -0.10 6.92
CA ILE A 329 -12.40 -0.66 7.99
C ILE A 329 -12.88 -0.38 9.45
N ASN A 330 -13.60 0.72 9.68
CA ASN A 330 -14.06 1.01 11.04
C ASN A 330 -14.95 2.25 11.18
N ALA A 331 -15.49 2.46 12.38
CA ALA A 331 -16.34 3.59 12.65
C ALA A 331 -15.74 4.94 12.21
N ALA A 332 -14.52 5.24 12.65
CA ALA A 332 -13.88 6.48 12.27
C ALA A 332 -13.92 6.74 10.76
N ALA A 333 -13.51 5.74 9.98
CA ALA A 333 -13.51 5.86 8.53
C ALA A 333 -14.92 6.19 7.97
N LEU A 334 -15.93 5.47 8.45
CA LEU A 334 -17.30 5.71 8.02
C LEU A 334 -17.78 7.14 8.34
N GLU A 335 -17.52 7.62 9.54
CA GLU A 335 -17.91 8.97 9.92
C GLU A 335 -17.25 10.04 9.05
N ARG A 336 -15.93 9.97 8.90
CA ARG A 336 -15.26 10.94 8.06
C ARG A 336 -15.86 10.99 6.65
N VAL A 337 -16.21 9.83 6.08
CA VAL A 337 -16.80 9.80 4.76
C VAL A 337 -18.13 10.58 4.72
N GLU A 338 -18.93 10.44 5.78
CA GLU A 338 -20.20 11.16 5.87
C GLU A 338 -19.98 12.67 5.92
N GLN A 339 -19.24 13.13 6.94
CA GLN A 339 -18.93 14.54 7.09
C GLN A 339 -18.43 15.15 5.77
N LYS A 340 -17.40 14.55 5.19
CA LYS A 340 -16.84 15.04 3.93
C LYS A 340 -17.88 15.08 2.79
N VAL A 341 -18.76 14.09 2.72
CA VAL A 341 -19.80 14.10 1.72
C VAL A 341 -20.80 15.23 2.01
N ALA A 342 -21.27 15.28 3.26
CA ALA A 342 -22.19 16.32 3.68
C ALA A 342 -21.57 17.72 3.45
N ARG A 343 -20.37 17.90 3.96
CA ARG A 343 -19.65 19.15 3.78
C ARG A 343 -19.50 19.49 2.28
N ALA A 344 -19.29 18.46 1.46
CA ALA A 344 -19.18 18.67 0.02
C ALA A 344 -20.50 19.16 -0.61
N VAL A 345 -21.62 18.52 -0.25
CA VAL A 345 -22.91 18.92 -0.78
C VAL A 345 -23.27 20.39 -0.44
N GLU A 346 -22.77 20.88 0.68
CA GLU A 346 -23.03 22.26 1.11
C GLU A 346 -22.33 23.28 0.22
N GLU A 347 -21.22 22.87 -0.38
CA GLU A 347 -20.44 23.72 -1.26
C GLU A 347 -20.94 23.72 -2.71
N GLY A 348 -21.93 22.88 -3.01
CA GLY A 348 -22.47 22.82 -4.35
C GLY A 348 -22.48 21.43 -4.94
N ALA A 349 -21.90 20.47 -4.21
CA ALA A 349 -21.87 19.09 -4.68
C ALA A 349 -23.27 18.53 -4.96
N ARG A 350 -23.46 17.97 -6.15
CA ARG A 350 -24.76 17.42 -6.51
C ARG A 350 -24.83 15.88 -6.36
N VAL A 351 -25.44 15.39 -5.29
CA VAL A 351 -25.55 13.95 -5.07
C VAL A 351 -26.32 13.19 -6.16
N ALA A 352 -25.62 12.65 -7.15
CA ALA A 352 -26.26 11.91 -8.24
C ALA A 352 -26.62 10.46 -7.88
N PHE A 353 -26.01 9.93 -6.82
CA PHE A 353 -26.27 8.57 -6.39
C PHE A 353 -25.76 8.29 -4.96
N GLY A 354 -26.48 7.48 -4.19
CA GLY A 354 -26.04 7.21 -2.82
C GLY A 354 -25.92 8.52 -2.06
N GLY A 355 -25.01 8.58 -1.10
CA GLY A 355 -24.83 9.80 -0.34
C GLY A 355 -25.32 9.75 1.09
N LYS A 356 -26.07 8.70 1.42
CA LYS A 356 -26.59 8.55 2.77
C LYS A 356 -26.01 7.34 3.52
N ALA A 357 -25.29 7.58 4.60
CA ALA A 357 -24.70 6.49 5.36
C ALA A 357 -25.72 5.48 5.92
N VAL A 358 -25.47 4.21 5.69
CA VAL A 358 -26.32 3.15 6.20
C VAL A 358 -26.13 2.94 7.71
N GLU A 359 -27.21 2.91 8.48
CA GLU A 359 -27.10 2.74 9.93
C GLU A 359 -27.46 1.32 10.45
N GLY A 360 -26.45 0.51 10.72
CA GLY A 360 -26.68 -0.84 11.20
C GLY A 360 -25.38 -1.61 11.34
N LYS A 361 -25.45 -2.81 11.91
CA LYS A 361 -24.27 -3.66 12.08
C LYS A 361 -23.21 -3.54 10.95
N GLY A 362 -22.00 -3.13 11.30
CA GLY A 362 -20.96 -2.98 10.29
C GLY A 362 -20.85 -1.53 9.86
N TYR A 363 -19.90 -1.23 8.98
CA TYR A 363 -19.73 0.13 8.51
C TYR A 363 -19.82 0.25 6.97
N TYR A 364 -21.03 0.44 6.46
CA TYR A 364 -21.21 0.54 5.02
C TYR A 364 -21.59 1.92 4.49
N TYR A 365 -21.14 2.22 3.28
CA TYR A 365 -21.46 3.46 2.61
C TYR A 365 -21.78 3.23 1.13
N PRO A 366 -23.02 3.45 0.72
CA PRO A 366 -23.37 3.23 -0.68
C PRO A 366 -22.44 3.94 -1.68
N PRO A 367 -22.14 3.30 -2.82
CA PRO A 367 -21.28 3.95 -3.80
C PRO A 367 -21.92 5.34 -4.06
N THR A 368 -21.19 6.41 -3.78
CA THR A 368 -21.75 7.74 -3.98
C THR A 368 -21.16 8.51 -5.18
N LEU A 369 -22.00 9.24 -5.88
CA LEU A 369 -21.54 10.01 -7.03
C LEU A 369 -21.82 11.52 -6.90
N LEU A 370 -20.76 12.32 -6.79
CA LEU A 370 -20.94 13.76 -6.67
C LEU A 370 -20.67 14.52 -7.98
N LEU A 371 -21.67 15.25 -8.46
CA LEU A 371 -21.53 16.03 -9.68
C LEU A 371 -21.45 17.55 -9.44
N ASP A 372 -21.25 18.33 -10.50
CA ASP A 372 -21.13 19.77 -10.34
C ASP A 372 -20.09 20.15 -9.26
N VAL A 373 -19.12 19.26 -9.06
CA VAL A 373 -18.05 19.52 -8.11
C VAL A 373 -17.00 20.47 -8.71
N ARG A 374 -16.40 21.32 -7.89
CA ARG A 374 -15.39 22.24 -8.41
C ARG A 374 -13.98 22.02 -7.81
N GLN A 375 -12.95 22.18 -8.63
CA GLN A 375 -11.57 22.03 -8.18
C GLN A 375 -11.34 22.68 -6.80
N GLU A 376 -12.02 23.81 -6.57
CA GLU A 376 -11.93 24.57 -5.34
C GLU A 376 -12.41 23.80 -4.08
N MET A 377 -13.52 23.07 -4.22
CA MET A 377 -14.10 22.31 -3.12
C MET A 377 -13.13 21.43 -2.31
N SER A 378 -13.34 21.40 -0.99
CA SER A 378 -12.50 20.62 -0.09
C SER A 378 -12.54 19.09 -0.30
N ILE A 379 -13.55 18.59 -1.00
CA ILE A 379 -13.63 17.16 -1.26
C ILE A 379 -12.52 16.69 -2.24
N MET A 380 -11.94 17.66 -2.96
CA MET A 380 -10.89 17.41 -3.92
C MET A 380 -9.48 17.41 -3.29
N HIS A 381 -9.37 18.07 -2.13
CA HIS A 381 -8.09 18.18 -1.44
C HIS A 381 -8.03 17.42 -0.10
N GLU A 382 -8.51 16.17 -0.10
CA GLU A 382 -8.50 15.32 1.08
C GLU A 382 -8.64 13.82 0.75
N GLU A 383 -8.07 12.95 1.57
CA GLU A 383 -8.17 11.52 1.32
C GLU A 383 -9.58 10.95 1.62
N THR A 384 -10.46 11.06 0.63
CA THR A 384 -11.86 10.64 0.70
C THR A 384 -12.20 9.34 1.49
N PHE A 385 -11.37 8.31 1.41
CA PHE A 385 -11.66 7.05 2.11
C PHE A 385 -12.80 6.23 1.47
N GLY A 386 -14.03 6.63 1.73
CA GLY A 386 -15.18 5.92 1.20
C GLY A 386 -15.27 5.80 -0.31
N PRO A 387 -16.25 5.05 -0.80
CA PRO A 387 -16.48 4.83 -2.23
C PRO A 387 -17.19 6.05 -2.88
N VAL A 388 -16.59 7.23 -2.74
CA VAL A 388 -17.16 8.44 -3.29
C VAL A 388 -16.44 8.90 -4.59
N LEU A 389 -17.19 9.36 -5.57
CA LEU A 389 -16.59 9.81 -6.83
C LEU A 389 -16.97 11.22 -7.29
N PRO A 390 -16.13 12.21 -7.03
CA PRO A 390 -16.49 13.56 -7.47
C PRO A 390 -16.21 13.69 -8.98
N VAL A 391 -17.13 14.30 -9.72
CA VAL A 391 -16.92 14.48 -11.15
C VAL A 391 -16.90 15.96 -11.56
N VAL A 392 -15.72 16.48 -11.85
CA VAL A 392 -15.55 17.86 -12.26
C VAL A 392 -15.42 18.04 -13.78
N ALA A 393 -16.26 18.88 -14.38
CA ALA A 393 -16.18 19.10 -15.81
C ALA A 393 -15.01 20.04 -16.20
N PHE A 394 -14.48 19.88 -17.41
CA PHE A 394 -13.39 20.73 -17.87
C PHE A 394 -13.45 21.01 -19.38
N ASP A 395 -12.87 22.12 -19.84
CA ASP A 395 -12.91 22.44 -21.26
C ASP A 395 -11.79 21.86 -22.12
N THR A 396 -10.53 22.02 -21.71
CA THR A 396 -9.43 21.49 -22.52
C THR A 396 -8.33 20.72 -21.77
N LEU A 397 -7.49 20.01 -22.54
CA LEU A 397 -6.41 19.25 -21.94
C LEU A 397 -5.60 20.10 -20.95
N GLU A 398 -5.16 21.29 -21.36
CA GLU A 398 -4.42 22.15 -20.46
C GLU A 398 -5.14 22.33 -19.11
N ASP A 399 -6.45 22.53 -19.14
CA ASP A 399 -7.24 22.67 -17.93
C ASP A 399 -7.14 21.38 -17.09
N ALA A 400 -7.51 20.27 -17.73
CA ALA A 400 -7.47 18.97 -17.08
C ALA A 400 -6.12 18.63 -16.45
N ILE A 401 -5.05 18.81 -17.21
CA ILE A 401 -3.72 18.55 -16.68
C ILE A 401 -3.40 19.45 -15.50
N SER A 402 -3.71 20.74 -15.65
CA SER A 402 -3.48 21.70 -14.59
C SER A 402 -4.26 21.36 -13.30
N MET A 403 -5.51 20.91 -13.43
CA MET A 403 -6.27 20.55 -12.25
C MET A 403 -5.82 19.22 -11.63
N ALA A 404 -5.31 18.30 -12.46
CA ALA A 404 -4.82 17.03 -11.95
C ALA A 404 -3.51 17.24 -11.19
N ASN A 405 -2.65 18.10 -11.75
CA ASN A 405 -1.39 18.41 -11.10
C ASN A 405 -1.61 19.28 -9.86
N ASP A 406 -2.81 19.81 -9.71
CA ASP A 406 -3.13 20.65 -8.56
C ASP A 406 -3.51 19.83 -7.34
N SER A 407 -2.51 19.26 -6.69
CA SER A 407 -2.71 18.41 -5.53
C SER A 407 -1.42 18.19 -4.72
N ASP A 408 -1.54 17.92 -3.42
CA ASP A 408 -0.34 17.66 -2.64
C ASP A 408 0.15 16.24 -2.86
N TYR A 409 -0.65 15.45 -3.56
CA TYR A 409 -0.30 14.08 -3.85
C TYR A 409 0.08 13.83 -5.32
N GLY A 410 1.05 12.96 -5.57
CA GLY A 410 1.46 12.69 -6.93
C GLY A 410 1.91 11.25 -7.14
N LEU A 411 1.10 10.31 -6.69
CA LEU A 411 1.37 8.89 -6.84
C LEU A 411 0.80 8.24 -8.14
N THR A 412 -0.52 8.30 -8.35
CA THR A 412 -1.14 7.70 -9.54
C THR A 412 -2.06 8.61 -10.35
N SER A 413 -2.02 8.48 -11.67
CA SER A 413 -2.86 9.24 -12.57
C SER A 413 -3.33 8.42 -13.79
N SER A 414 -4.35 8.86 -14.49
CA SER A 414 -4.80 8.12 -15.65
C SER A 414 -5.49 9.00 -16.69
N ILE A 415 -5.34 8.64 -17.96
CA ILE A 415 -5.99 9.40 -19.01
C ILE A 415 -6.60 8.51 -20.09
N TYR A 416 -7.85 8.80 -20.47
CA TYR A 416 -8.50 8.03 -21.50
C TYR A 416 -8.72 8.83 -22.77
N THR A 417 -7.87 8.60 -23.76
CA THR A 417 -7.94 9.29 -25.03
C THR A 417 -7.50 8.38 -26.18
N GLN A 418 -7.32 8.95 -27.37
CA GLN A 418 -6.89 8.19 -28.53
C GLN A 418 -5.95 8.97 -29.46
N ASN A 419 -5.74 10.24 -29.16
CA ASN A 419 -4.87 11.06 -29.98
C ASN A 419 -3.37 11.01 -29.57
N LEU A 420 -2.50 10.64 -30.50
CA LEU A 420 -1.07 10.56 -30.22
C LEU A 420 -0.50 11.81 -29.50
N ASN A 421 -0.90 13.00 -29.90
CA ASN A 421 -0.42 14.20 -29.23
C ASN A 421 -1.02 14.36 -27.81
N VAL A 422 -2.32 14.08 -27.66
CA VAL A 422 -2.97 14.16 -26.36
C VAL A 422 -2.27 13.24 -25.36
N ALA A 423 -2.11 11.98 -25.73
CA ALA A 423 -1.44 11.02 -24.88
C ALA A 423 -0.03 11.52 -24.51
N MET A 424 0.79 11.79 -25.53
CA MET A 424 2.14 12.29 -25.28
C MET A 424 2.14 13.63 -24.52
N LYS A 425 1.14 14.47 -24.75
CA LYS A 425 1.06 15.74 -24.07
C LYS A 425 0.65 15.55 -22.61
N ALA A 426 -0.28 14.63 -22.37
CA ALA A 426 -0.70 14.33 -21.01
C ALA A 426 0.46 13.70 -20.22
N ILE A 427 1.17 12.77 -20.86
CA ILE A 427 2.30 12.15 -20.22
C ILE A 427 3.31 13.20 -19.75
N LYS A 428 3.83 13.98 -20.69
CA LYS A 428 4.80 15.00 -20.37
C LYS A 428 4.27 16.08 -19.40
N GLY A 429 2.96 16.27 -19.35
CA GLY A 429 2.37 17.27 -18.48
C GLY A 429 1.99 16.83 -17.08
N LEU A 430 1.52 15.60 -16.95
CA LEU A 430 1.14 15.08 -15.65
C LEU A 430 2.31 14.85 -14.65
N LYS A 431 2.23 15.47 -13.48
CA LYS A 431 3.25 15.31 -12.47
C LYS A 431 2.92 14.20 -11.45
N PHE A 432 2.93 12.96 -11.92
CA PHE A 432 2.65 11.81 -11.09
C PHE A 432 3.70 10.71 -11.25
N GLY A 433 3.80 9.81 -10.29
CA GLY A 433 4.78 8.75 -10.39
C GLY A 433 4.33 7.72 -11.40
N GLU A 434 3.02 7.66 -11.60
CA GLU A 434 2.39 6.73 -12.54
C GLU A 434 1.28 7.37 -13.40
N THR A 435 1.18 6.93 -14.65
CA THR A 435 0.16 7.43 -15.56
C THR A 435 -0.43 6.31 -16.41
N TYR A 436 -1.65 5.91 -16.11
CA TYR A 436 -2.28 4.87 -16.89
C TYR A 436 -3.01 5.43 -18.12
N ILE A 437 -2.75 4.85 -19.29
CA ILE A 437 -3.40 5.29 -20.50
C ILE A 437 -4.36 4.25 -21.10
N ASN A 438 -5.66 4.50 -20.98
CA ASN A 438 -6.69 3.59 -21.50
C ASN A 438 -6.75 2.22 -20.80
N ARG A 439 -6.61 2.23 -19.47
CA ARG A 439 -6.68 1.01 -18.68
C ARG A 439 -6.81 1.30 -17.16
N GLU A 440 -7.24 0.31 -16.38
CA GLU A 440 -7.40 0.48 -14.94
C GLU A 440 -6.08 0.61 -14.16
N ASN A 441 -6.12 1.33 -13.06
CA ASN A 441 -4.93 1.55 -12.24
C ASN A 441 -4.50 0.39 -11.32
N PHE A 442 -3.50 -0.39 -11.74
CA PHE A 442 -2.96 -1.47 -10.95
C PHE A 442 -1.44 -1.68 -11.18
N GLU A 443 -0.61 -1.14 -10.31
CA GLU A 443 0.84 -1.23 -10.45
C GLU A 443 1.42 -2.65 -10.68
N ALA A 444 2.24 -2.78 -11.72
CA ALA A 444 2.89 -4.04 -12.04
C ALA A 444 4.07 -4.33 -11.09
N MET A 445 4.29 -5.59 -10.74
CA MET A 445 5.38 -5.89 -9.81
C MET A 445 6.78 -5.50 -10.30
N GLN A 446 6.97 -5.45 -11.62
CA GLN A 446 8.26 -5.05 -12.17
C GLN A 446 8.32 -3.55 -12.53
N GLY A 447 7.28 -2.80 -12.16
CA GLY A 447 7.26 -1.37 -12.43
C GLY A 447 7.89 -0.65 -11.24
N PHE A 448 7.45 0.57 -10.96
CA PHE A 448 7.99 1.30 -9.82
C PHE A 448 6.95 2.22 -9.16
N HIS A 449 6.41 1.77 -8.02
CA HIS A 449 5.42 2.52 -7.27
C HIS A 449 6.06 3.61 -6.37
N ALA A 450 6.13 4.83 -6.88
CA ALA A 450 6.72 5.95 -6.15
C ALA A 450 5.98 7.26 -6.40
N GLY A 451 5.58 7.95 -5.34
CA GLY A 451 4.82 9.17 -5.52
C GLY A 451 5.56 10.49 -5.41
N TRP A 452 5.15 11.44 -6.23
CA TRP A 452 5.71 12.78 -6.20
C TRP A 452 5.12 13.61 -5.03
N ARG A 453 5.75 14.75 -4.71
CA ARG A 453 5.25 15.60 -3.65
C ARG A 453 5.01 14.88 -2.31
N LYS A 454 3.86 15.10 -1.67
CA LYS A 454 3.56 14.45 -0.40
C LYS A 454 3.17 12.95 -0.50
N SER A 455 3.10 12.41 -1.72
CA SER A 455 2.76 11.01 -1.88
C SER A 455 3.84 10.03 -1.40
N GLY A 456 5.04 10.52 -1.11
CA GLY A 456 6.06 9.61 -0.62
C GLY A 456 7.51 9.97 -0.81
N ILE A 457 8.37 9.03 -0.41
CA ILE A 457 9.81 9.11 -0.53
C ILE A 457 10.38 7.73 -0.87
N GLY A 458 11.19 7.61 -1.91
CA GLY A 458 11.71 6.32 -2.30
C GLY A 458 10.55 5.64 -3.01
N GLY A 459 10.53 4.31 -3.04
CA GLY A 459 9.44 3.65 -3.71
C GLY A 459 9.47 2.14 -3.52
N ALA A 460 8.68 1.45 -4.34
CA ALA A 460 8.62 0.00 -4.26
C ALA A 460 8.46 -0.70 -5.62
N ASP A 461 8.67 -2.01 -5.60
CA ASP A 461 8.53 -2.85 -6.77
C ASP A 461 9.66 -2.68 -7.83
N GLY A 462 9.83 -3.70 -8.65
CA GLY A 462 10.81 -3.66 -9.70
C GLY A 462 12.21 -3.51 -9.20
N LYS A 463 13.10 -3.18 -10.13
CA LYS A 463 14.51 -2.99 -9.84
C LYS A 463 14.77 -1.83 -8.90
N HIS A 464 14.11 -0.70 -9.13
CA HIS A 464 14.30 0.45 -8.26
C HIS A 464 13.74 0.20 -6.87
N GLY A 465 12.67 -0.57 -6.78
CA GLY A 465 12.13 -0.89 -5.47
C GLY A 465 13.17 -1.73 -4.76
N LEU A 466 13.74 -2.71 -5.46
CA LEU A 466 14.75 -3.55 -4.86
C LEU A 466 15.94 -2.72 -4.34
N HIS A 467 16.43 -1.79 -5.15
CA HIS A 467 17.56 -0.95 -4.76
C HIS A 467 17.34 -0.08 -3.52
N GLU A 468 16.08 0.23 -3.17
CA GLU A 468 15.86 1.00 -1.95
C GLU A 468 16.47 0.29 -0.71
N TYR A 469 16.65 -1.03 -0.81
CA TYR A 469 17.21 -1.82 0.27
C TYR A 469 18.71 -2.06 0.13
N LEU A 470 19.34 -1.37 -0.82
CA LEU A 470 20.77 -1.49 -1.00
C LEU A 470 21.47 -0.14 -0.87
N GLN A 471 22.70 -0.13 -0.39
CA GLN A 471 23.45 1.10 -0.32
C GLN A 471 24.81 0.87 -1.01
N THR A 472 25.54 1.92 -1.33
CA THR A 472 26.76 1.67 -2.04
C THR A 472 28.06 1.80 -1.27
N GLN A 473 29.02 0.97 -1.64
CA GLN A 473 30.33 1.03 -1.06
C GLN A 473 31.35 1.24 -2.17
N VAL A 474 31.82 2.47 -2.33
CA VAL A 474 32.78 2.77 -3.38
C VAL A 474 34.22 2.50 -2.94
N VAL A 475 34.86 1.51 -3.56
CA VAL A 475 36.23 1.18 -3.23
C VAL A 475 37.26 1.73 -4.24
N TYR A 476 38.20 2.53 -3.75
CA TYR A 476 39.25 3.07 -4.58
C TYR A 476 40.52 2.24 -4.44
N LEU A 477 40.63 1.18 -5.23
CA LEU A 477 41.78 0.30 -5.18
C LEU A 477 43.00 0.81 -5.99
N GLN A 478 43.86 1.59 -5.34
CA GLN A 478 45.04 2.12 -6.01
C GLN A 478 46.17 1.10 -6.17
N SER A 479 46.34 0.57 -7.38
CA SER A 479 47.38 -0.41 -7.63
C SER A 479 47.23 -1.72 -6.78
S SO4 B . -2.38 10.63 -6.43
O1 SO4 B . -2.74 11.29 -5.17
O2 SO4 B . -1.00 11.04 -6.76
O3 SO4 B . -2.45 9.17 -6.28
O4 SO4 B . -3.30 11.09 -7.49
S SO4 C . 15.22 -23.33 -4.68
O1 SO4 C . 13.81 -22.87 -4.64
O2 SO4 C . 16.09 -22.24 -5.17
O3 SO4 C . 15.65 -23.73 -3.33
O4 SO4 C . 15.31 -24.49 -5.59
PA NDP D . -2.33 5.26 8.86
O1A NDP D . -1.70 6.54 8.49
O2A NDP D . -3.33 5.24 9.94
O5B NDP D . -1.14 4.30 9.12
C5B NDP D . -1.41 2.92 9.45
C4B NDP D . -0.09 2.24 9.81
O4B NDP D . 0.79 3.34 10.28
C3B NDP D . -0.32 1.37 10.99
O3B NDP D . 0.72 0.39 11.09
C2B NDP D . -0.29 2.39 12.07
O2B NDP D . -0.42 1.92 13.38
C1B NDP D . 0.98 3.13 11.72
N9A NDP D . 1.10 4.43 12.37
C8A NDP D . 0.06 5.31 12.67
N7A NDP D . 0.44 6.38 13.35
C5A NDP D . 1.78 6.21 13.50
C6A NDP D . 2.76 7.03 14.13
N6A NDP D . 2.47 8.17 14.74
N1A NDP D . 4.05 6.55 14.10
C2A NDP D . 4.38 5.39 13.49
N3A NDP D . 3.52 4.54 12.86
C4A NDP D . 2.20 5.01 12.88
O3 NDP D . -2.98 4.60 7.53
PN NDP D . -4.17 3.63 7.16
O1N NDP D . -4.32 2.62 8.23
O2N NDP D . -3.85 3.12 5.79
O5D NDP D . -5.50 4.53 7.00
C5D NDP D . -5.94 5.48 8.01
C4D NDP D . -6.94 4.87 8.96
O4D NDP D . -6.40 4.84 10.33
C3D NDP D . -8.28 5.59 9.10
O3D NDP D . -9.16 5.40 8.02
C2D NDP D . -8.78 5.07 10.44
O2D NDP D . -9.47 3.84 10.25
C1D NDP D . -7.47 4.93 11.25
N1N NDP D . -7.22 6.09 12.22
C2N NDP D . -7.71 5.98 13.51
C3N NDP D . -7.53 6.98 14.47
C7N NDP D . -8.07 6.87 15.90
O7N NDP D . -9.24 6.54 16.08
N7N NDP D . -7.20 7.15 16.89
C4N NDP D . -6.79 8.17 14.09
C5N NDP D . -6.29 8.28 12.77
C6N NDP D . -6.49 7.27 11.84
P2B NDP D . -1.89 1.51 13.93
O1X NDP D . -2.36 0.34 13.13
O2X NDP D . -1.61 1.24 15.38
O3X NDP D . -2.75 2.74 13.73
#